data_4OVY
#
_entry.id   4OVY
#
_cell.length_a   72.950
_cell.length_b   75.502
_cell.length_c   64.357
_cell.angle_alpha   90.000
_cell.angle_beta   90.000
_cell.angle_gamma   90.000
#
_symmetry.space_group_name_H-M   'P 21 21 2'
#
loop_
_entity.id
_entity.type
_entity.pdbx_description
1 polymer 'Haloacid dehalogenase domain protein hydrolase'
2 non-polymer 'CITRIC ACID'
3 non-polymer 1,2-ETHANEDIOL
4 non-polymer 'CALCIUM ION'
5 water water
#
_entity_poly.entity_id   1
_entity_poly.type   'polypeptide(L)'
_entity_poly.pdbx_seq_one_letter_code
;EEPLPSWNDSAARRAILEYVKSVTTEGSPRFVPVSERIVTFDNDGTLWCEQP(MSE)YVQLAFALDRVRLLADKHPEWRT
EEPFRAVIEKDLPALAKLGAKGLTELT(MSE)ATHAG(MSE)TDDEFENIVTEWIRKARHPKFHRPYTECVYQP(MSE)L
ELLAFLRQHEFKTFIVSGAGIEF(MSE)RPWAKEVYGIPPEQVIGSSVKLKYELRDGKPVLVRLAELNFIDDQAGKPVGI
RQVIGRRPV(MSE)AVGNSDGDYE(MSE)LEYVTSGPANGLGLIVHHTDAVREFAYDRQSPFGRLDRALTDATSKGWIVI
D(MSE)QRDWKVIFPESRPSQN
;
_entity_poly.pdbx_strand_id   A
#
loop_
_chem_comp.id
_chem_comp.type
_chem_comp.name
_chem_comp.formula
CA non-polymer 'CALCIUM ION' 'Ca 2'
CIT non-polymer 'CITRIC ACID' 'C6 H8 O7'
EDO non-polymer 1,2-ETHANEDIOL 'C2 H6 O2'
#
# COMPACT_ATOMS: atom_id res chain seq x y z
N GLU A 1 5.67 26.63 -3.58
CA GLU A 1 6.97 26.58 -4.31
C GLU A 1 6.97 25.43 -5.34
N GLU A 2 8.06 25.32 -6.09
CA GLU A 2 8.20 24.28 -7.10
C GLU A 2 7.96 22.88 -6.55
N PRO A 3 8.74 22.46 -5.52
CA PRO A 3 8.58 21.10 -5.04
C PRO A 3 7.38 20.98 -4.08
N LEU A 4 6.68 19.87 -4.18
CA LEU A 4 5.59 19.57 -3.25
C LEU A 4 4.53 20.69 -3.19
N PRO A 5 4.02 21.12 -4.35
CA PRO A 5 3.11 22.27 -4.38
C PRO A 5 1.79 22.09 -3.60
N SER A 6 1.33 20.85 -3.44
CA SER A 6 0.11 20.58 -2.69
C SER A 6 0.33 20.43 -1.18
N TRP A 7 1.58 20.62 -0.74
CA TRP A 7 1.92 20.53 0.68
C TRP A 7 2.07 21.91 1.28
N ASN A 8 1.29 22.20 2.32
CA ASN A 8 1.46 23.42 3.13
C ASN A 8 2.74 23.35 3.93
N ASP A 9 3.15 24.48 4.52
CA ASP A 9 4.24 24.44 5.47
C ASP A 9 3.76 23.61 6.66
N SER A 10 4.57 22.64 7.06
CA SER A 10 4.22 21.72 8.13
C SER A 10 5.47 21.00 8.60
N ALA A 11 5.40 20.32 9.74
CA ALA A 11 6.52 19.49 10.18
C ALA A 11 6.92 18.51 9.09
N ALA A 12 5.93 17.90 8.44
CA ALA A 12 6.20 16.88 7.43
C ALA A 12 6.90 17.44 6.18
N ARG A 13 6.42 18.56 5.67
N ARG A 13 6.41 18.56 5.67
CA ARG A 13 7.05 19.15 4.49
CA ARG A 13 7.02 19.20 4.51
C ARG A 13 8.47 19.61 4.80
C ARG A 13 8.46 19.59 4.81
N ARG A 14 8.68 20.19 5.98
CA ARG A 14 10.01 20.62 6.41
C ARG A 14 10.97 19.44 6.50
N ALA A 15 10.50 18.36 7.13
CA ALA A 15 11.31 17.15 7.31
C ALA A 15 11.68 16.50 5.98
N ILE A 16 10.72 16.42 5.06
CA ILE A 16 10.95 15.79 3.77
C ILE A 16 11.99 16.59 2.97
N LEU A 17 11.78 17.89 2.85
CA LEU A 17 12.68 18.73 2.06
C LEU A 17 14.09 18.73 2.64
N GLU A 18 14.20 18.87 3.96
CA GLU A 18 15.48 18.89 4.67
C GLU A 18 16.24 17.57 4.50
N TYR A 19 15.53 16.47 4.70
CA TYR A 19 16.13 15.15 4.62
C TYR A 19 16.61 14.83 3.20
N VAL A 20 15.75 15.07 2.21
CA VAL A 20 16.12 14.79 0.83
C VAL A 20 17.34 15.64 0.43
N LYS A 21 17.34 16.91 0.80
CA LYS A 21 18.48 17.77 0.52
C LYS A 21 19.75 17.23 1.17
N SER A 22 19.63 16.81 2.42
CA SER A 22 20.77 16.37 3.20
C SER A 22 21.39 15.08 2.65
N VAL A 23 20.56 14.15 2.21
CA VAL A 23 21.08 12.87 1.73
C VAL A 23 21.48 12.88 0.25
N THR A 24 21.14 13.93 -0.49
CA THR A 24 21.47 13.95 -1.93
C THR A 24 22.46 15.02 -2.36
N THR A 25 22.96 15.80 -1.41
CA THR A 25 23.92 16.86 -1.72
C THR A 25 25.34 16.36 -1.46
N GLU A 26 26.14 16.27 -2.52
CA GLU A 26 27.52 15.84 -2.41
C GLU A 26 28.22 16.64 -1.33
N GLY A 27 29.01 15.96 -0.51
CA GLY A 27 29.75 16.59 0.57
C GLY A 27 28.99 16.71 1.89
N SER A 28 27.68 16.48 1.87
CA SER A 28 26.88 16.46 3.09
C SER A 28 27.32 15.31 3.96
N PRO A 29 27.32 15.50 5.29
CA PRO A 29 27.66 14.38 6.16
C PRO A 29 26.71 13.20 6.09
N ARG A 30 25.46 13.45 5.67
N ARG A 30 25.46 13.42 5.67
CA ARG A 30 24.44 12.40 5.53
CA ARG A 30 24.50 12.34 5.55
C ARG A 30 24.25 11.90 4.10
C ARG A 30 24.23 11.94 4.10
N PHE A 31 25.16 12.26 3.21
CA PHE A 31 25.06 11.88 1.80
C PHE A 31 24.89 10.36 1.66
N VAL A 32 23.87 9.96 0.92
CA VAL A 32 23.64 8.56 0.60
C VAL A 32 23.90 8.38 -0.88
N PRO A 33 24.80 7.46 -1.25
CA PRO A 33 25.02 7.15 -2.66
C PRO A 33 23.70 6.82 -3.36
N VAL A 34 23.59 7.21 -4.63
CA VAL A 34 22.35 7.03 -5.41
C VAL A 34 21.81 5.60 -5.30
N SER A 35 22.68 4.61 -5.45
CA SER A 35 22.27 3.20 -5.40
C SER A 35 21.59 2.78 -4.08
N GLU A 36 21.84 3.54 -3.00
CA GLU A 36 21.28 3.21 -1.67
C GLU A 36 19.99 3.98 -1.36
N ARG A 37 19.57 4.87 -2.24
CA ARG A 37 18.39 5.71 -2.01
C ARG A 37 17.08 4.96 -2.25
N ILE A 38 16.75 4.08 -1.31
CA ILE A 38 15.55 3.25 -1.37
C ILE A 38 14.53 3.84 -0.42
N VAL A 39 13.31 4.04 -0.92
CA VAL A 39 12.19 4.51 -0.10
C VAL A 39 11.00 3.57 -0.30
N THR A 40 10.35 3.21 0.82
CA THR A 40 9.24 2.27 0.80
C THR A 40 7.95 2.93 1.29
N PHE A 41 6.87 2.67 0.58
CA PHE A 41 5.53 3.18 0.89
C PHE A 41 4.57 2.01 1.06
N ASP A 42 3.75 2.07 2.10
CA ASP A 42 2.52 1.29 2.09
C ASP A 42 1.61 1.85 0.99
N ASN A 43 0.62 1.07 0.57
CA ASN A 43 -0.35 1.53 -0.43
C ASN A 43 -1.68 1.96 0.21
N ASP A 44 -2.46 1.00 0.68
CA ASP A 44 -3.76 1.29 1.30
C ASP A 44 -3.59 2.30 2.44
N GLY A 45 -4.28 3.44 2.35
CA GLY A 45 -4.27 4.44 3.42
C GLY A 45 -3.05 5.34 3.43
N THR A 46 -2.08 5.06 2.56
CA THR A 46 -0.84 5.82 2.48
C THR A 46 -0.76 6.55 1.12
N LEU A 47 -0.98 5.81 0.04
CA LEU A 47 -1.00 6.35 -1.32
C LEU A 47 -2.42 6.57 -1.87
N TRP A 48 -3.38 5.81 -1.35
CA TRP A 48 -4.76 5.92 -1.79
C TRP A 48 -5.75 5.52 -0.70
N CYS A 49 -7.02 5.72 -0.97
N CYS A 49 -7.04 5.76 -0.97
CA CYS A 49 -8.08 5.57 0.01
CA CYS A 49 -8.10 5.53 0.01
C CYS A 49 -8.36 4.10 0.36
C CYS A 49 -8.27 4.07 0.38
N GLU A 50 -8.60 3.82 1.64
CA GLU A 50 -8.88 2.46 2.14
C GLU A 50 -10.20 2.38 2.94
N GLN A 51 -11.06 3.40 2.79
CA GLN A 51 -12.39 3.41 3.38
C GLN A 51 -13.39 3.44 2.22
N PRO A 52 -14.54 2.77 2.38
CA PRO A 52 -15.04 2.03 3.56
C PRO A 52 -14.38 0.67 3.77
N MSE A 53 -13.53 0.24 2.84
CA MSE A 53 -12.74 -0.99 3.01
C MSE A 53 -11.54 -0.98 2.09
O MSE A 53 -11.48 -0.19 1.15
CB MSE A 53 -13.57 -2.24 2.72
CG MSE A 53 -14.07 -2.29 1.29
SE MSE A 53 -15.27 -3.83 1.00
CE MSE A 53 -16.90 -2.92 1.65
N TYR A 54 -10.60 -1.87 2.34
CA TYR A 54 -9.46 -2.05 1.44
C TYR A 54 -10.01 -2.29 0.06
N VAL A 55 -9.44 -1.66 -0.96
CA VAL A 55 -9.97 -1.78 -2.32
C VAL A 55 -9.95 -3.24 -2.79
N GLN A 56 -8.92 -3.99 -2.42
CA GLN A 56 -8.88 -5.41 -2.78
C GLN A 56 -10.00 -6.20 -2.12
N LEU A 57 -10.46 -5.78 -0.94
CA LEU A 57 -11.61 -6.43 -0.32
C LEU A 57 -12.88 -6.17 -1.12
N ALA A 58 -13.05 -4.94 -1.62
CA ALA A 58 -14.15 -4.61 -2.53
C ALA A 58 -14.12 -5.52 -3.77
N PHE A 59 -12.93 -5.69 -4.35
CA PHE A 59 -12.73 -6.60 -5.49
C PHE A 59 -13.13 -8.01 -5.13
N ALA A 60 -12.62 -8.51 -4.01
CA ALA A 60 -12.92 -9.88 -3.57
C ALA A 60 -14.43 -10.09 -3.37
N LEU A 61 -15.10 -9.08 -2.81
CA LEU A 61 -16.56 -9.11 -2.65
C LEU A 61 -17.28 -9.29 -3.99
N ASP A 62 -16.89 -8.51 -4.99
CA ASP A 62 -17.52 -8.62 -6.31
C ASP A 62 -17.24 -9.99 -6.95
N ARG A 63 -16.01 -10.47 -6.78
CA ARG A 63 -15.64 -11.78 -7.32
C ARG A 63 -16.44 -12.91 -6.67
N VAL A 64 -16.56 -12.88 -5.34
CA VAL A 64 -17.36 -13.88 -4.62
C VAL A 64 -18.81 -13.85 -5.09
N ARG A 65 -19.38 -12.65 -5.19
CA ARG A 65 -20.75 -12.51 -5.68
C ARG A 65 -20.94 -13.09 -7.07
N LEU A 66 -19.97 -12.85 -7.96
CA LEU A 66 -20.03 -13.36 -9.32
C LEU A 66 -19.95 -14.89 -9.35
N LEU A 67 -19.14 -15.45 -8.46
CA LEU A 67 -18.91 -16.90 -8.42
C LEU A 67 -19.94 -17.69 -7.59
N ALA A 68 -20.74 -16.99 -6.80
CA ALA A 68 -21.57 -17.63 -5.77
C ALA A 68 -22.61 -18.59 -6.30
N ASP A 69 -23.01 -18.42 -7.56
CA ASP A 69 -24.03 -19.28 -8.14
C ASP A 69 -23.56 -20.72 -8.29
N LYS A 70 -22.26 -20.96 -8.17
CA LYS A 70 -21.69 -22.32 -8.21
C LYS A 70 -21.32 -22.87 -6.84
N HIS A 71 -21.68 -22.17 -5.76
CA HIS A 71 -21.18 -22.51 -4.42
C HIS A 71 -22.28 -22.50 -3.36
N PRO A 72 -23.13 -23.54 -3.35
CA PRO A 72 -24.17 -23.60 -2.33
C PRO A 72 -23.60 -23.62 -0.90
N GLU A 73 -22.39 -24.16 -0.77
CA GLU A 73 -21.72 -24.23 0.54
C GLU A 73 -21.34 -22.86 1.11
N TRP A 74 -21.23 -21.85 0.26
CA TRP A 74 -20.87 -20.50 0.71
C TRP A 74 -21.96 -19.81 1.55
N ARG A 75 -23.18 -20.34 1.51
CA ARG A 75 -24.23 -19.82 2.38
C ARG A 75 -23.91 -20.06 3.86
N THR A 76 -23.01 -21.02 4.15
CA THR A 76 -22.60 -21.29 5.52
C THR A 76 -21.09 -21.16 5.78
N GLU A 77 -20.27 -21.32 4.75
CA GLU A 77 -18.82 -21.33 4.92
C GLU A 77 -18.30 -19.90 5.06
N GLU A 78 -17.50 -19.65 6.10
CA GLU A 78 -16.85 -18.33 6.27
C GLU A 78 -15.53 -18.33 5.50
N PRO A 79 -15.09 -17.16 5.03
CA PRO A 79 -15.71 -15.83 5.13
C PRO A 79 -16.74 -15.54 4.02
N PHE A 80 -17.03 -16.53 3.19
CA PHE A 80 -17.93 -16.33 2.04
C PHE A 80 -19.32 -15.93 2.48
N ARG A 81 -19.80 -16.53 3.57
CA ARG A 81 -21.09 -16.18 4.17
C ARG A 81 -21.15 -14.68 4.47
N ALA A 82 -20.13 -14.19 5.17
CA ALA A 82 -20.02 -12.76 5.49
C ALA A 82 -20.04 -11.90 4.24
N VAL A 83 -19.34 -12.34 3.19
CA VAL A 83 -19.28 -11.61 1.93
C VAL A 83 -20.67 -11.54 1.30
N ILE A 84 -21.34 -12.68 1.22
CA ILE A 84 -22.66 -12.78 0.62
C ILE A 84 -23.71 -11.97 1.40
N GLU A 85 -23.65 -12.05 2.73
CA GLU A 85 -24.62 -11.32 3.57
C GLU A 85 -24.21 -9.88 3.85
N LYS A 86 -23.11 -9.43 3.25
CA LYS A 86 -22.67 -8.04 3.33
C LYS A 86 -22.36 -7.64 4.79
N ASP A 87 -21.70 -8.54 5.50
CA ASP A 87 -21.43 -8.39 6.93
C ASP A 87 -20.08 -7.70 7.15
N LEU A 88 -20.06 -6.37 7.07
CA LEU A 88 -18.79 -5.64 7.09
C LEU A 88 -17.97 -5.84 8.39
N PRO A 89 -18.62 -5.88 9.57
CA PRO A 89 -17.87 -6.18 10.80
C PRO A 89 -17.14 -7.53 10.81
N ALA A 90 -17.75 -8.57 10.26
CA ALA A 90 -17.05 -9.85 10.14
C ALA A 90 -15.87 -9.72 9.19
N LEU A 91 -16.08 -9.04 8.07
CA LEU A 91 -15.05 -8.86 7.05
C LEU A 91 -13.83 -8.07 7.52
N ALA A 92 -14.04 -7.19 8.49
CA ALA A 92 -12.95 -6.42 9.10
C ALA A 92 -11.95 -7.29 9.87
N LYS A 93 -12.31 -8.54 10.18
CA LYS A 93 -11.43 -9.43 10.93
C LYS A 93 -10.40 -10.14 10.02
N LEU A 94 -10.57 -10.06 8.71
CA LEU A 94 -9.72 -10.83 7.79
C LEU A 94 -8.23 -10.47 7.87
N GLY A 95 -7.92 -9.18 7.88
CA GLY A 95 -6.53 -8.73 7.81
C GLY A 95 -5.88 -9.10 6.49
N ALA A 96 -4.58 -8.88 6.39
CA ALA A 96 -3.82 -9.20 5.19
C ALA A 96 -3.87 -10.68 4.85
N LYS A 97 -3.72 -11.52 5.87
CA LYS A 97 -3.71 -12.97 5.65
C LYS A 97 -5.05 -13.43 5.08
N GLY A 98 -6.14 -13.04 5.74
CA GLY A 98 -7.50 -13.43 5.31
C GLY A 98 -7.85 -12.94 3.92
N LEU A 99 -7.46 -11.71 3.62
CA LEU A 99 -7.69 -11.13 2.30
C LEU A 99 -6.98 -11.91 1.18
N THR A 100 -5.71 -12.26 1.39
CA THR A 100 -4.99 -13.04 0.40
C THR A 100 -5.52 -14.49 0.35
N GLU A 101 -5.88 -15.07 1.49
CA GLU A 101 -6.52 -16.40 1.47
C GLU A 101 -7.85 -16.42 0.69
N LEU A 102 -8.65 -15.37 0.85
CA LEU A 102 -9.91 -15.26 0.14
C LEU A 102 -9.66 -15.15 -1.37
N THR A 103 -8.68 -14.34 -1.75
CA THR A 103 -8.33 -14.17 -3.15
C THR A 103 -7.72 -15.48 -3.71
N MSE A 104 -6.89 -16.13 -2.90
CA MSE A 104 -6.26 -17.42 -3.24
C MSE A 104 -7.31 -18.46 -3.54
O MSE A 104 -7.22 -19.16 -4.55
CB MSE A 104 -5.40 -17.87 -2.05
CG MSE A 104 -4.79 -19.26 -2.19
SE MSE A 104 -4.21 -19.89 -0.41
CE MSE A 104 -5.97 -20.31 0.38
N ALA A 105 -8.32 -18.58 -2.67
CA ALA A 105 -9.31 -19.63 -2.80
C ALA A 105 -10.23 -19.44 -4.02
N THR A 106 -10.32 -18.22 -4.53
CA THR A 106 -11.26 -17.88 -5.60
C THR A 106 -10.61 -17.72 -6.96
N HIS A 107 -9.28 -17.77 -7.03
CA HIS A 107 -8.57 -17.62 -8.31
C HIS A 107 -7.46 -18.64 -8.55
N ALA A 108 -7.52 -19.78 -7.87
CA ALA A 108 -6.53 -20.84 -8.07
C ALA A 108 -6.77 -21.54 -9.39
N GLY A 109 -5.71 -22.00 -10.04
CA GLY A 109 -5.82 -22.77 -11.27
C GLY A 109 -5.77 -21.96 -12.55
N MSE A 110 -5.86 -20.64 -12.44
CA MSE A 110 -5.76 -19.76 -13.60
C MSE A 110 -4.35 -19.22 -13.69
O MSE A 110 -3.60 -19.28 -12.71
CB MSE A 110 -6.80 -18.64 -13.53
CG MSE A 110 -6.49 -17.54 -12.52
SE MSE A 110 -7.81 -16.07 -12.64
CE MSE A 110 -9.43 -17.14 -12.26
N THR A 111 -3.99 -18.71 -14.85
CA THR A 111 -2.65 -18.15 -15.04
C THR A 111 -2.55 -16.76 -14.45
N ASP A 112 -1.30 -16.32 -14.27
CA ASP A 112 -1.00 -14.93 -13.87
C ASP A 112 -1.65 -13.92 -14.82
N ASP A 113 -1.56 -14.15 -16.12
CA ASP A 113 -2.14 -13.25 -17.10
C ASP A 113 -3.68 -13.21 -17.02
N GLU A 114 -4.30 -14.37 -16.76
CA GLU A 114 -5.74 -14.43 -16.61
C GLU A 114 -6.18 -13.60 -15.40
N PHE A 115 -5.47 -13.73 -14.29
CA PHE A 115 -5.76 -12.96 -13.09
C PHE A 115 -5.58 -11.46 -13.33
N GLU A 116 -4.49 -11.09 -14.00
CA GLU A 116 -4.22 -9.69 -14.34
C GLU A 116 -5.38 -9.10 -15.14
N ASN A 117 -5.86 -9.82 -16.15
CA ASN A 117 -7.01 -9.36 -16.96
C ASN A 117 -8.27 -9.12 -16.12
N ILE A 118 -8.51 -10.02 -15.17
CA ILE A 118 -9.63 -9.89 -14.23
C ILE A 118 -9.50 -8.62 -13.38
N VAL A 119 -8.33 -8.42 -12.79
CA VAL A 119 -8.07 -7.23 -11.99
C VAL A 119 -8.22 -5.94 -12.83
N THR A 120 -7.65 -5.94 -14.02
CA THR A 120 -7.65 -4.76 -14.90
C THR A 120 -9.07 -4.37 -15.30
N GLU A 121 -9.88 -5.36 -15.66
CA GLU A 121 -11.26 -5.11 -16.00
C GLU A 121 -12.06 -4.62 -14.80
N TRP A 122 -11.85 -5.21 -13.64
CA TRP A 122 -12.56 -4.76 -12.44
C TRP A 122 -12.19 -3.34 -12.07
N ILE A 123 -10.90 -3.03 -12.06
CA ILE A 123 -10.47 -1.73 -11.53
C ILE A 123 -10.81 -0.56 -12.47
N ARG A 124 -11.13 -0.86 -13.72
CA ARG A 124 -11.63 0.21 -14.59
C ARG A 124 -13.17 0.31 -14.57
N LYS A 125 -13.87 -0.74 -14.17
CA LYS A 125 -15.35 -0.72 -14.14
C LYS A 125 -15.93 -0.35 -12.78
N ALA A 126 -15.24 -0.74 -11.71
CA ALA A 126 -15.73 -0.47 -10.36
C ALA A 126 -15.52 0.99 -10.00
N ARG A 127 -16.28 1.49 -9.04
CA ARG A 127 -16.11 2.86 -8.59
C ARG A 127 -16.30 2.98 -7.09
N HIS A 128 -15.66 3.98 -6.51
CA HIS A 128 -15.78 4.23 -5.10
C HIS A 128 -17.22 4.66 -4.80
N PRO A 129 -17.83 4.08 -3.75
CA PRO A 129 -19.24 4.38 -3.44
C PRO A 129 -19.50 5.83 -3.00
N LYS A 130 -18.49 6.47 -2.42
CA LYS A 130 -18.56 7.88 -2.05
C LYS A 130 -18.17 8.80 -3.20
N PHE A 131 -16.97 8.62 -3.77
CA PHE A 131 -16.43 9.57 -4.73
C PHE A 131 -16.96 9.34 -6.16
N HIS A 132 -17.53 8.17 -6.42
CA HIS A 132 -18.07 7.82 -7.74
C HIS A 132 -17.06 8.03 -8.89
N ARG A 133 -15.81 7.71 -8.58
CA ARG A 133 -14.70 7.70 -9.54
C ARG A 133 -14.03 6.34 -9.39
N PRO A 134 -13.23 5.93 -10.40
CA PRO A 134 -12.46 4.71 -10.26
C PRO A 134 -11.56 4.78 -9.02
N TYR A 135 -11.32 3.63 -8.39
CA TYR A 135 -10.49 3.60 -7.19
C TYR A 135 -9.08 4.15 -7.44
N THR A 136 -8.58 3.97 -8.67
CA THR A 136 -7.27 4.48 -9.06
C THR A 136 -7.21 6.01 -9.20
N GLU A 137 -8.37 6.68 -9.17
CA GLU A 137 -8.42 8.13 -9.08
C GLU A 137 -8.58 8.62 -7.64
N CYS A 138 -8.74 7.68 -6.71
CA CYS A 138 -8.82 8.00 -5.29
C CYS A 138 -7.44 7.90 -4.64
N VAL A 139 -6.43 8.31 -5.39
CA VAL A 139 -5.05 8.36 -4.94
C VAL A 139 -4.79 9.78 -4.43
N TYR A 140 -3.77 9.92 -3.59
CA TYR A 140 -3.47 11.19 -2.96
C TYR A 140 -2.49 12.02 -3.79
N GLN A 141 -2.99 13.14 -4.31
CA GLN A 141 -2.21 14.03 -5.15
C GLN A 141 -0.91 14.47 -4.47
N PRO A 142 -0.95 14.81 -3.15
CA PRO A 142 0.30 15.16 -2.49
C PRO A 142 1.33 14.02 -2.47
N MSE A 143 0.86 12.77 -2.43
CA MSE A 143 1.77 11.63 -2.45
C MSE A 143 2.30 11.40 -3.85
O MSE A 143 3.44 10.99 -4.01
CB MSE A 143 1.12 10.37 -1.88
CG MSE A 143 0.69 10.56 -0.43
SE MSE A 143 2.23 10.87 0.78
CE MSE A 143 2.92 9.02 0.75
N LEU A 144 1.50 11.66 -4.87
CA LEU A 144 2.00 11.62 -6.24
C LEU A 144 3.15 12.62 -6.44
N GLU A 145 2.98 13.81 -5.88
CA GLU A 145 4.04 14.81 -5.89
C GLU A 145 5.29 14.34 -5.15
N LEU A 146 5.10 13.71 -3.99
CA LEU A 146 6.21 13.20 -3.21
C LEU A 146 6.98 12.12 -3.96
N LEU A 147 6.25 11.18 -4.57
CA LEU A 147 6.88 10.15 -5.40
C LEU A 147 7.75 10.74 -6.52
N ALA A 148 7.20 11.72 -7.25
CA ALA A 148 7.94 12.37 -8.33
C ALA A 148 9.18 13.11 -7.82
N PHE A 149 9.02 13.82 -6.70
CA PHE A 149 10.09 14.58 -6.08
C PHE A 149 11.26 13.66 -5.71
N LEU A 150 10.93 12.54 -5.08
CA LEU A 150 11.95 11.56 -4.69
C LEU A 150 12.65 10.96 -5.91
N ARG A 151 11.88 10.60 -6.93
CA ARG A 151 12.49 10.04 -8.14
C ARG A 151 13.36 11.07 -8.87
N GLN A 152 12.96 12.34 -8.84
CA GLN A 152 13.80 13.43 -9.39
C GLN A 152 15.16 13.52 -8.68
N HIS A 153 15.21 13.11 -7.41
CA HIS A 153 16.45 13.09 -6.65
C HIS A 153 17.08 11.70 -6.57
N GLU A 154 16.72 10.85 -7.54
CA GLU A 154 17.33 9.55 -7.78
C GLU A 154 17.05 8.52 -6.69
N PHE A 155 15.92 8.66 -5.99
CA PHE A 155 15.42 7.58 -5.12
C PHE A 155 14.70 6.55 -5.97
N LYS A 156 14.77 5.29 -5.55
CA LYS A 156 13.91 4.23 -6.10
C LYS A 156 12.75 4.04 -5.14
N THR A 157 11.55 4.23 -5.66
CA THR A 157 10.32 4.20 -4.88
C THR A 157 9.69 2.82 -4.97
N PHE A 158 9.56 2.14 -3.83
CA PHE A 158 8.92 0.83 -3.76
C PHE A 158 7.59 0.90 -3.00
N ILE A 159 6.65 0.05 -3.39
CA ILE A 159 5.49 -0.24 -2.56
C ILE A 159 5.77 -1.48 -1.72
N VAL A 160 5.41 -1.42 -0.45
CA VAL A 160 5.51 -2.54 0.49
C VAL A 160 4.16 -2.62 1.21
N SER A 161 3.28 -3.49 0.71
CA SER A 161 1.88 -3.53 1.13
C SER A 161 1.47 -4.92 1.58
N GLY A 162 0.48 -4.99 2.47
CA GLY A 162 -0.12 -6.26 2.85
C GLY A 162 -1.06 -6.81 1.80
N ALA A 163 -1.50 -5.95 0.88
CA ALA A 163 -2.38 -6.36 -0.19
C ALA A 163 -1.64 -7.27 -1.18
N GLY A 164 -2.41 -7.90 -2.03
CA GLY A 164 -1.86 -8.79 -3.04
C GLY A 164 -1.00 -8.06 -4.05
N ILE A 165 0.20 -8.56 -4.23
CA ILE A 165 1.15 -8.01 -5.19
C ILE A 165 0.54 -7.94 -6.60
N GLU A 166 -0.23 -8.98 -6.97
CA GLU A 166 -0.81 -9.06 -8.30
C GLU A 166 -2.11 -8.27 -8.45
N PHE A 167 -2.68 -7.82 -7.33
CA PHE A 167 -3.77 -6.85 -7.38
C PHE A 167 -3.25 -5.46 -7.76
N MSE A 168 -2.04 -5.12 -7.32
CA MSE A 168 -1.49 -3.76 -7.51
C MSE A 168 -0.70 -3.63 -8.80
O MSE A 168 -0.71 -2.57 -9.44
CB MSE A 168 -0.58 -3.41 -6.34
CG MSE A 168 -1.38 -3.31 -5.04
SE MSE A 168 -0.19 -2.89 -3.52
CE MSE A 168 0.74 -4.61 -3.38
N ARG A 169 -0.01 -4.69 -9.19
CA ARG A 169 0.92 -4.62 -10.33
C ARG A 169 0.32 -4.22 -11.68
N PRO A 170 -0.94 -4.57 -11.96
CA PRO A 170 -1.49 -4.20 -13.26
C PRO A 170 -1.59 -2.69 -13.54
N TRP A 171 -1.69 -1.87 -12.49
CA TRP A 171 -1.96 -0.44 -12.65
C TRP A 171 -0.96 0.50 -11.95
N ALA A 172 -0.08 -0.04 -11.11
CA ALA A 172 0.80 0.80 -10.27
C ALA A 172 1.78 1.66 -11.08
N LYS A 173 2.21 1.15 -12.23
CA LYS A 173 3.15 1.91 -13.06
C LYS A 173 2.46 3.14 -13.63
N GLU A 174 1.28 2.95 -14.23
CA GLU A 174 0.53 4.08 -14.79
C GLU A 174 0.15 5.10 -13.71
N VAL A 175 -0.29 4.61 -12.55
CA VAL A 175 -0.90 5.47 -11.54
C VAL A 175 0.14 6.13 -10.64
N TYR A 176 1.11 5.34 -10.18
CA TYR A 176 2.13 5.82 -9.22
C TYR A 176 3.51 6.02 -9.85
N GLY A 177 3.72 5.52 -11.07
CA GLY A 177 5.06 5.52 -11.67
C GLY A 177 5.96 4.45 -11.10
N ILE A 178 5.37 3.42 -10.49
CA ILE A 178 6.13 2.37 -9.84
C ILE A 178 5.97 1.07 -10.64
N PRO A 179 7.09 0.58 -11.23
CA PRO A 179 7.02 -0.62 -12.05
C PRO A 179 6.84 -1.89 -11.21
N PRO A 180 6.41 -2.99 -11.83
CA PRO A 180 6.10 -4.22 -11.09
C PRO A 180 7.24 -4.76 -10.23
N GLU A 181 8.48 -4.62 -10.71
CA GLU A 181 9.66 -5.08 -9.94
C GLU A 181 9.93 -4.27 -8.67
N GLN A 182 9.17 -3.19 -8.44
CA GLN A 182 9.29 -2.38 -7.24
C GLN A 182 8.02 -2.40 -6.40
N VAL A 183 7.19 -3.41 -6.63
CA VAL A 183 5.98 -3.63 -5.84
C VAL A 183 6.23 -4.89 -5.01
N ILE A 184 6.08 -4.77 -3.71
CA ILE A 184 6.21 -5.89 -2.79
C ILE A 184 4.87 -6.03 -2.09
N GLY A 185 4.36 -7.25 -2.03
CA GLY A 185 3.05 -7.49 -1.46
C GLY A 185 2.88 -8.93 -1.00
N SER A 186 1.66 -9.26 -0.61
CA SER A 186 1.34 -10.65 -0.28
C SER A 186 1.13 -11.44 -1.56
N SER A 187 1.34 -12.75 -1.51
CA SER A 187 1.29 -13.56 -2.72
C SER A 187 0.89 -15.02 -2.45
N VAL A 188 0.38 -15.67 -3.49
CA VAL A 188 0.22 -17.12 -3.53
C VAL A 188 1.38 -17.73 -4.29
N LYS A 189 1.56 -19.05 -4.14
CA LYS A 189 2.58 -19.76 -4.89
C LYS A 189 2.17 -19.90 -6.35
N LEU A 190 3.18 -19.98 -7.21
CA LEU A 190 3.01 -20.22 -8.64
C LEU A 190 3.66 -21.53 -9.06
N LYS A 191 3.16 -22.08 -10.15
CA LYS A 191 3.75 -23.29 -10.77
C LYS A 191 3.94 -23.00 -12.26
N TYR A 192 5.09 -23.39 -12.80
CA TYR A 192 5.38 -23.26 -14.23
C TYR A 192 4.86 -24.46 -14.99
N GLU A 193 4.16 -24.21 -16.09
CA GLU A 193 3.82 -25.28 -17.03
C GLU A 193 3.60 -24.71 -18.42
N LEU A 194 3.40 -25.60 -19.39
CA LEU A 194 3.00 -25.20 -20.74
C LEU A 194 1.53 -25.51 -20.94
N ARG A 195 0.79 -24.55 -21.47
CA ARG A 195 -0.60 -24.77 -21.85
C ARG A 195 -0.72 -24.46 -23.33
N ASP A 196 -1.11 -25.46 -24.12
CA ASP A 196 -1.17 -25.33 -25.58
C ASP A 196 0.19 -24.92 -26.15
N GLY A 197 1.26 -25.44 -25.55
CA GLY A 197 2.63 -25.11 -25.98
C GLY A 197 3.13 -23.76 -25.51
N LYS A 198 2.33 -23.04 -24.74
CA LYS A 198 2.64 -21.69 -24.28
C LYS A 198 3.13 -21.76 -22.82
N PRO A 199 4.36 -21.27 -22.54
CA PRO A 199 4.81 -21.24 -21.15
C PRO A 199 4.02 -20.25 -20.30
N VAL A 200 3.50 -20.72 -19.16
CA VAL A 200 2.69 -19.89 -18.27
C VAL A 200 3.05 -20.14 -16.82
N LEU A 201 2.68 -19.20 -15.96
CA LEU A 201 2.70 -19.40 -14.52
C LEU A 201 1.26 -19.52 -14.06
N VAL A 202 0.99 -20.56 -13.27
CA VAL A 202 -0.35 -20.88 -12.79
C VAL A 202 -0.42 -20.62 -11.29
N ARG A 203 -1.49 -19.97 -10.86
CA ARG A 203 -1.72 -19.70 -9.45
C ARG A 203 -2.16 -20.95 -8.69
N LEU A 204 -1.52 -21.19 -7.55
CA LEU A 204 -1.85 -22.32 -6.68
C LEU A 204 -2.74 -21.89 -5.51
N ALA A 205 -3.42 -22.86 -4.91
CA ALA A 205 -4.24 -22.61 -3.72
C ALA A 205 -3.35 -22.79 -2.49
N GLU A 206 -2.27 -22.03 -2.46
CA GLU A 206 -1.27 -22.13 -1.42
C GLU A 206 -0.67 -20.75 -1.21
N LEU A 207 -0.55 -20.34 0.05
CA LEU A 207 0.05 -19.04 0.38
C LEU A 207 1.55 -19.08 0.15
N ASN A 208 2.09 -17.99 -0.38
CA ASN A 208 3.52 -17.83 -0.51
C ASN A 208 4.06 -16.91 0.59
N PHE A 209 3.44 -15.75 0.74
CA PHE A 209 3.94 -14.74 1.67
C PHE A 209 2.87 -13.72 2.03
N ILE A 210 2.86 -13.34 3.32
CA ILE A 210 1.99 -12.29 3.83
C ILE A 210 2.87 -11.13 4.27
N ASP A 211 2.75 -10.01 3.55
CA ASP A 211 3.65 -8.86 3.69
C ASP A 211 3.05 -7.77 4.59
N ASP A 212 2.84 -8.11 5.86
CA ASP A 212 2.29 -7.15 6.82
C ASP A 212 2.95 -7.30 8.18
N GLN A 213 2.88 -6.24 8.97
CA GLN A 213 3.46 -6.20 10.33
C GLN A 213 4.95 -6.58 10.26
N ALA A 214 5.39 -7.56 11.06
CA ALA A 214 6.80 -7.94 11.05
C ALA A 214 7.22 -8.63 9.74
N GLY A 215 6.26 -8.98 8.90
CA GLY A 215 6.53 -9.45 7.57
C GLY A 215 7.15 -8.38 6.67
N LYS A 216 6.88 -7.10 6.92
CA LYS A 216 7.35 -6.05 6.00
C LYS A 216 8.88 -5.94 5.94
N PRO A 217 9.57 -5.91 7.09
CA PRO A 217 11.03 -5.90 7.02
C PRO A 217 11.59 -7.17 6.35
N VAL A 218 10.92 -8.29 6.53
CA VAL A 218 11.33 -9.53 5.87
C VAL A 218 11.15 -9.42 4.34
N GLY A 219 10.01 -8.92 3.90
CA GLY A 219 9.77 -8.76 2.46
C GLY A 219 10.77 -7.79 1.85
N ILE A 220 11.00 -6.68 2.55
CA ILE A 220 11.97 -5.68 2.10
C ILE A 220 13.36 -6.30 2.00
N ARG A 221 13.80 -6.97 3.04
CA ARG A 221 15.16 -7.51 3.04
C ARG A 221 15.36 -8.61 1.99
N GLN A 222 14.34 -9.47 1.82
CA GLN A 222 14.42 -10.54 0.82
C GLN A 222 14.43 -9.98 -0.62
N VAL A 223 13.50 -9.10 -0.92
CA VAL A 223 13.33 -8.61 -2.29
C VAL A 223 14.33 -7.50 -2.65
N ILE A 224 14.47 -6.50 -1.80
CA ILE A 224 15.34 -5.35 -2.09
C ILE A 224 16.80 -5.62 -1.72
N GLY A 225 17.02 -6.37 -0.65
CA GLY A 225 18.36 -6.65 -0.17
C GLY A 225 19.04 -5.47 0.48
N ARG A 226 18.26 -4.47 0.88
CA ARG A 226 18.79 -3.23 1.44
C ARG A 226 17.83 -2.72 2.52
N ARG A 227 18.36 -2.04 3.52
CA ARG A 227 17.53 -1.28 4.45
C ARG A 227 17.17 0.04 3.77
N PRO A 228 15.86 0.35 3.62
CA PRO A 228 15.51 1.65 3.04
C PRO A 228 15.98 2.82 3.90
N VAL A 229 16.20 3.97 3.28
CA VAL A 229 16.58 5.17 4.02
C VAL A 229 15.37 6.05 4.38
N MSE A 230 14.21 5.70 3.83
CA MSE A 230 12.96 6.39 4.16
C MSE A 230 11.80 5.46 3.99
O MSE A 230 11.85 4.54 3.18
CB MSE A 230 12.85 7.58 3.21
CG MSE A 230 11.65 8.48 3.48
SE MSE A 230 11.79 10.01 2.22
CE MSE A 230 9.95 10.66 2.36
N ALA A 231 10.75 5.67 4.78
CA ALA A 231 9.53 4.89 4.68
C ALA A 231 8.33 5.72 5.08
N VAL A 232 7.21 5.48 4.41
CA VAL A 232 5.96 6.12 4.73
C VAL A 232 4.86 5.08 4.86
N GLY A 233 4.13 5.16 5.96
CA GLY A 233 3.01 4.27 6.23
C GLY A 233 1.87 5.06 6.83
N ASN A 234 0.85 4.35 7.33
CA ASN A 234 -0.30 5.01 7.97
C ASN A 234 -0.94 4.22 9.11
N SER A 235 -0.57 2.97 9.30
CA SER A 235 -1.26 2.13 10.26
C SER A 235 -0.29 1.35 11.14
N ASP A 236 -0.82 0.69 12.15
CA ASP A 236 0.01 -0.12 13.03
C ASP A 236 0.67 -1.29 12.32
N GLY A 237 0.09 -1.76 11.20
CA GLY A 237 0.74 -2.74 10.35
C GLY A 237 2.04 -2.28 9.70
N ASP A 238 2.31 -0.97 9.74
CA ASP A 238 3.56 -0.39 9.24
C ASP A 238 4.63 -0.17 10.31
N TYR A 239 4.34 -0.53 11.55
CA TYR A 239 5.22 -0.24 12.69
C TYR A 239 6.63 -0.80 12.48
N GLU A 240 6.72 -2.10 12.16
CA GLU A 240 8.02 -2.74 11.97
C GLU A 240 8.79 -2.18 10.77
N MSE A 241 8.09 -1.87 9.68
CA MSE A 241 8.75 -1.24 8.53
C MSE A 241 9.39 0.08 8.92
O MSE A 241 10.55 0.32 8.61
CB MSE A 241 7.78 -1.05 7.35
CG MSE A 241 8.46 -0.26 6.23
SE MSE A 241 7.24 0.00 4.69
CE MSE A 241 5.97 1.26 5.51
N LEU A 242 8.65 0.95 9.60
CA LEU A 242 9.17 2.25 10.02
C LEU A 242 10.34 2.09 11.01
N GLU A 243 10.17 1.19 11.97
CA GLU A 243 11.21 0.92 12.98
C GLU A 243 12.51 0.43 12.35
N TYR A 244 12.37 -0.48 11.39
CA TYR A 244 13.50 -1.04 10.66
C TYR A 244 14.31 0.06 9.98
N VAL A 245 13.60 1.04 9.45
CA VAL A 245 14.22 2.17 8.74
C VAL A 245 14.81 3.24 9.68
N THR A 246 14.13 3.53 10.79
CA THR A 246 14.50 4.69 11.61
C THR A 246 15.29 4.40 12.89
N SER A 247 15.15 3.19 13.44
CA SER A 247 15.65 2.90 14.80
C SER A 247 17.06 2.33 14.84
N GLY A 248 17.60 2.18 16.04
CA GLY A 248 18.95 1.65 16.24
C GLY A 248 19.97 2.53 15.54
N PRO A 249 20.98 1.91 14.92
CA PRO A 249 22.04 2.69 14.24
C PRO A 249 21.64 3.30 12.89
N ALA A 250 20.57 2.78 12.30
N ALA A 250 20.50 2.90 12.33
CA ALA A 250 20.00 3.39 11.11
CA ALA A 250 20.06 3.34 10.99
C ALA A 250 19.46 4.74 11.54
C ALA A 250 19.97 4.86 10.79
N ASN A 251 19.51 5.71 10.65
N ASN A 251 18.90 5.47 11.27
CA ASN A 251 18.98 7.01 10.97
CA ASN A 251 18.77 6.93 11.20
C ASN A 251 18.07 7.53 9.87
C ASN A 251 18.10 7.46 9.91
N GLY A 252 17.23 6.65 9.33
CA GLY A 252 16.38 7.04 8.21
C GLY A 252 15.16 7.83 8.67
N LEU A 253 14.36 8.25 7.70
CA LEU A 253 13.19 9.09 7.96
C LEU A 253 11.91 8.26 7.83
N GLY A 254 11.06 8.33 8.85
CA GLY A 254 9.76 7.67 8.81
C GLY A 254 8.62 8.67 8.94
N LEU A 255 7.61 8.53 8.10
CA LEU A 255 6.41 9.36 8.20
C LEU A 255 5.15 8.51 8.27
N ILE A 256 4.14 9.09 8.92
CA ILE A 256 2.84 8.47 9.07
C ILE A 256 1.75 9.39 8.52
N VAL A 257 0.92 8.85 7.63
CA VAL A 257 -0.24 9.57 7.12
C VAL A 257 -1.39 9.40 8.11
N HIS A 258 -1.76 10.50 8.76
CA HIS A 258 -2.83 10.52 9.76
C HIS A 258 -4.12 11.05 9.13
N HIS A 259 -5.14 10.20 9.12
CA HIS A 259 -6.41 10.54 8.49
C HIS A 259 -7.30 11.33 9.44
N THR A 260 -7.19 12.65 9.33
CA THR A 260 -7.85 13.59 10.23
C THR A 260 -8.94 14.40 9.54
N ASP A 261 -9.17 14.17 8.25
CA ASP A 261 -10.02 15.02 7.43
C ASP A 261 -11.29 14.31 6.99
N ALA A 262 -12.35 14.42 7.79
CA ALA A 262 -13.64 13.76 7.49
C ALA A 262 -14.40 14.46 6.36
N VAL A 263 -14.03 15.72 6.08
CA VAL A 263 -14.73 16.50 5.05
C VAL A 263 -14.25 16.16 3.65
N ARG A 264 -12.94 16.14 3.44
CA ARG A 264 -12.37 15.87 2.11
C ARG A 264 -12.02 14.38 1.89
N GLU A 265 -11.87 13.63 2.98
CA GLU A 265 -11.51 12.22 2.86
C GLU A 265 -12.23 11.46 3.98
N PHE A 266 -11.50 10.78 4.85
CA PHE A 266 -12.09 10.10 6.00
C PHE A 266 -11.27 10.39 7.23
N ALA A 267 -11.93 10.47 8.39
CA ALA A 267 -11.24 10.67 9.65
C ALA A 267 -11.32 9.38 10.44
N TYR A 268 -10.16 8.82 10.77
CA TYR A 268 -10.08 7.58 11.55
C TYR A 268 -8.67 7.36 12.08
N ASP A 269 -8.56 6.67 13.20
CA ASP A 269 -7.28 6.16 13.65
C ASP A 269 -7.43 4.94 14.56
N ARG A 270 -7.68 5.16 15.85
CA ARG A 270 -7.54 4.09 16.86
C ARG A 270 -8.66 3.07 16.85
N GLN A 271 -9.83 3.45 16.33
CA GLN A 271 -11.03 2.60 16.36
C GLN A 271 -11.37 1.98 15.00
N SER A 272 -10.55 2.21 13.99
CA SER A 272 -10.91 1.84 12.64
C SER A 272 -10.63 0.36 12.39
N PRO A 273 -11.59 -0.37 11.82
CA PRO A 273 -11.29 -1.74 11.42
C PRO A 273 -10.30 -1.79 10.25
N PHE A 274 -10.28 -0.76 9.41
CA PHE A 274 -9.37 -0.70 8.27
C PHE A 274 -8.33 0.39 8.49
N GLY A 275 -7.05 0.04 8.41
CA GLY A 275 -5.98 1.00 8.61
C GLY A 275 -5.89 1.54 10.02
N ARG A 276 -6.14 0.68 11.00
CA ARG A 276 -6.07 1.07 12.41
C ARG A 276 -4.70 1.65 12.74
N LEU A 277 -4.71 2.84 13.33
CA LEU A 277 -3.50 3.56 13.71
C LEU A 277 -3.65 3.91 15.18
N ASP A 278 -2.76 3.35 16.01
CA ASP A 278 -2.88 3.47 17.46
C ASP A 278 -1.50 3.40 18.10
N ARG A 279 -0.90 2.21 18.10
CA ARG A 279 0.41 2.03 18.71
C ARG A 279 1.49 2.87 18.03
N ALA A 280 1.44 2.94 16.69
CA ALA A 280 2.42 3.72 15.94
C ALA A 280 2.27 5.22 16.20
N LEU A 281 1.04 5.67 16.37
CA LEU A 281 0.76 7.09 16.64
C LEU A 281 1.25 7.49 18.04
N THR A 282 0.94 6.66 19.03
CA THR A 282 1.42 6.89 20.38
C THR A 282 2.96 6.95 20.46
N ASP A 283 3.64 6.11 19.69
CA ASP A 283 5.11 6.04 19.73
C ASP A 283 5.81 7.00 18.77
N ALA A 284 5.06 7.71 17.95
CA ALA A 284 5.66 8.54 16.89
C ALA A 284 6.72 9.51 17.43
N THR A 285 6.36 10.28 18.46
CA THR A 285 7.30 11.26 19.02
C THR A 285 8.57 10.60 19.50
N SER A 286 8.45 9.53 20.28
CA SER A 286 9.64 8.85 20.82
C SER A 286 10.50 8.24 19.70
N LYS A 287 9.88 7.82 18.60
CA LYS A 287 10.60 7.24 17.47
C LYS A 287 11.16 8.29 16.50
N GLY A 288 10.69 9.52 16.59
CA GLY A 288 11.05 10.56 15.62
C GLY A 288 10.26 10.45 14.32
N TRP A 289 9.17 9.69 14.35
CA TRP A 289 8.30 9.56 13.19
C TRP A 289 7.47 10.83 13.01
N ILE A 290 7.46 11.36 11.79
CA ILE A 290 6.78 12.61 11.52
C ILE A 290 5.38 12.32 11.02
N VAL A 291 4.40 12.89 11.69
CA VAL A 291 3.00 12.65 11.38
C VAL A 291 2.48 13.71 10.40
N ILE A 292 1.91 13.24 9.31
CA ILE A 292 1.23 14.09 8.33
C ILE A 292 -0.23 14.24 8.73
N ASP A 293 -0.64 15.47 9.06
CA ASP A 293 -2.05 15.78 9.36
C ASP A 293 -2.75 16.13 8.05
N MSE A 294 -3.54 15.20 7.52
CA MSE A 294 -4.17 15.38 6.19
C MSE A 294 -5.02 16.63 6.12
O MSE A 294 -4.96 17.38 5.13
CB MSE A 294 -4.98 14.14 5.80
CG MSE A 294 -4.09 12.97 5.42
SE MSE A 294 -5.12 11.41 4.79
CE MSE A 294 -6.15 12.42 3.46
N GLN A 295 -5.81 16.89 7.16
CA GLN A 295 -6.70 18.05 7.22
C GLN A 295 -5.93 19.37 7.08
N ARG A 296 -4.81 19.48 7.78
CA ARG A 296 -4.07 20.73 7.86
C ARG A 296 -2.91 20.85 6.87
N ASP A 297 -2.32 19.72 6.48
CA ASP A 297 -1.03 19.74 5.76
C ASP A 297 -1.13 19.66 4.25
N TRP A 298 -2.30 19.25 3.74
CA TRP A 298 -2.48 19.00 2.31
C TRP A 298 -3.51 19.97 1.71
N LYS A 299 -3.11 20.69 0.67
CA LYS A 299 -3.94 21.71 0.05
C LYS A 299 -5.09 21.09 -0.74
N VAL A 300 -4.83 19.92 -1.30
CA VAL A 300 -5.83 19.10 -1.98
C VAL A 300 -5.58 17.65 -1.59
N ILE A 301 -6.60 16.81 -1.70
CA ILE A 301 -6.45 15.40 -1.41
C ILE A 301 -6.26 14.60 -2.70
N PHE A 302 -7.25 14.66 -3.58
CA PHE A 302 -7.24 13.86 -4.80
C PHE A 302 -6.89 14.72 -6.02
N PRO A 303 -6.36 14.09 -7.09
CA PRO A 303 -6.14 14.83 -8.33
C PRO A 303 -7.46 15.27 -8.99
N GLU A 304 -7.40 16.31 -9.80
CA GLU A 304 -8.55 16.71 -10.60
C GLU A 304 -8.90 15.61 -11.60
N SER A 305 -10.18 15.51 -11.93
CA SER A 305 -10.67 14.49 -12.86
C SER A 305 -10.70 15.03 -14.29
C1 CIT B . -0.25 23.98 11.02
O1 CIT B . -0.85 22.91 11.29
O2 CIT B . -0.82 25.10 11.02
C2 CIT B . 1.23 23.88 10.69
C3 CIT B . 2.09 24.53 11.79
O7 CIT B . 1.91 25.94 11.72
C4 CIT B . 1.69 24.04 13.19
C5 CIT B . 2.38 24.80 14.31
O3 CIT B . 2.03 24.51 15.49
O4 CIT B . 3.26 25.66 14.08
C6 CIT B . 3.53 24.15 11.48
O5 CIT B . 4.01 23.11 11.96
O6 CIT B . 4.20 24.88 10.73
C1 CIT C . -23.78 3.31 -1.84
O1 CIT C . -24.73 2.98 -1.10
O2 CIT C . -23.08 4.33 -1.63
C2 CIT C . -23.47 2.44 -3.03
C3 CIT C . -23.46 3.25 -4.34
O7 CIT C . -22.50 4.31 -4.23
C4 CIT C . -23.09 2.33 -5.50
C5 CIT C . -22.65 3.14 -6.70
O3 CIT C . -23.53 3.63 -7.44
O4 CIT C . -21.43 3.29 -6.92
C6 CIT C . -24.82 3.88 -4.59
O5 CIT C . -25.86 3.23 -4.36
O6 CIT C . -24.85 5.05 -5.03
C1 EDO D . 6.88 -10.34 -1.50
O1 EDO D . 6.52 -9.46 -2.57
C2 EDO D . 6.43 -11.77 -1.80
O2 EDO D . 5.02 -11.86 -2.00
C1 EDO E . -26.67 -20.73 -5.98
O1 EDO E . -28.04 -20.93 -5.61
C2 EDO E . -25.80 -21.78 -5.30
O2 EDO E . -26.20 -23.09 -5.70
C1 EDO F . 3.09 14.18 -10.52
O1 EDO F . 3.92 15.27 -10.14
C2 EDO F . 1.68 14.41 -9.99
O2 EDO F . 1.19 15.66 -10.48
C1 EDO G . -6.39 22.73 4.24
O1 EDO G . -5.24 22.92 5.08
C2 EDO G . -6.15 23.38 2.87
O2 EDO G . -4.82 23.89 2.79
C1 EDO H . -4.26 -4.55 3.17
O1 EDO H . -3.56 -3.30 3.21
C2 EDO H . -4.16 -5.27 4.51
O2 EDO H . -2.82 -5.16 5.02
C1 EDO I . 10.49 -13.67 0.41
O1 EDO I . 11.11 -14.24 -0.75
C2 EDO I . 9.07 -13.30 0.06
O2 EDO I . 8.44 -14.41 -0.57
CA CA J . -2.02 0.90 5.38
#